data_5UEB
#
_entry.id   5UEB
#
_cell.length_a   50.220
_cell.length_b   74.520
_cell.length_c   86.160
_cell.angle_alpha   90.000
_cell.angle_beta   90.000
_cell.angle_gamma   90.000
#
_symmetry.space_group_name_H-M   'P 21 21 21'
#
loop_
_entity.id
_entity.type
_entity.pdbx_description
1 polymer NegoA.19184.a
2 non-polymer 'CHLORIDE ION'
3 non-polymer 1,2-ETHANEDIOL
4 water water
#
_entity_poly.entity_id   1
_entity_poly.type   'polypeptide(L)'
_entity_poly.pdbx_seq_one_letter_code
;MAHHHHHHMKSKLTVVYYDLESNIAEEILSGNIMPDGNFLIQEIPLFAPNLALNDIVAIEREDKMLFFDHLIKASGNTTI
NIVVLDHFPKDLLAAIEEHSGKIRKNGENYLSVNFPPKKYNSDLKGILNRYEEANILSYREACLGFS
;
_entity_poly.pdbx_strand_id   A,B
#
# COMPACT_ATOMS: atom_id res chain seq x y z
N HIS A 6 19.25 -9.56 5.79
CA HIS A 6 18.80 -9.83 4.43
C HIS A 6 17.32 -10.21 4.40
N HIS A 7 16.50 -9.36 3.82
CA HIS A 7 15.08 -9.61 3.67
C HIS A 7 14.69 -9.35 2.21
N HIS A 8 13.61 -10.00 1.78
CA HIS A 8 13.12 -9.78 0.42
C HIS A 8 12.68 -8.32 0.26
N MET A 9 13.14 -7.70 -0.83
CA MET A 9 12.91 -6.28 -1.09
C MET A 9 12.60 -6.09 -2.58
N LYS A 10 11.90 -5.01 -2.87
CA LYS A 10 11.80 -4.55 -4.26
C LYS A 10 13.16 -4.06 -4.74
N SER A 11 13.39 -4.19 -6.04
CA SER A 11 14.54 -3.51 -6.62
C SER A 11 14.35 -2.01 -6.55
N LYS A 12 15.46 -1.27 -6.62
CA LYS A 12 15.47 0.15 -6.41
C LYS A 12 16.18 0.85 -7.56
N LEU A 13 15.56 1.89 -8.09
CA LEU A 13 16.07 2.66 -9.21
C LEU A 13 16.43 4.05 -8.70
N THR A 14 17.65 4.49 -8.99
CA THR A 14 18.06 5.85 -8.65
C THR A 14 17.94 6.73 -9.89
N VAL A 15 17.17 7.81 -9.78
CA VAL A 15 17.01 8.78 -10.87
C VAL A 15 17.74 10.06 -10.50
N VAL A 16 18.77 10.40 -11.29
CA VAL A 16 19.46 11.67 -11.11
C VAL A 16 18.66 12.78 -11.79
N TYR A 17 18.50 13.91 -11.09
CA TYR A 17 17.79 15.04 -11.67
C TYR A 17 18.35 16.33 -11.08
N TYR A 18 18.05 17.45 -11.72
CA TYR A 18 18.46 18.76 -11.24
C TYR A 18 17.30 19.41 -10.51
N ASP A 19 17.58 19.92 -9.30
CA ASP A 19 16.55 20.54 -8.48
C ASP A 19 16.33 22.01 -8.87
N LEU A 20 15.47 22.68 -8.11
CA LEU A 20 15.12 24.06 -8.45
C LEU A 20 16.28 25.01 -8.30
N GLU A 21 17.31 24.64 -7.54
CA GLU A 21 18.52 25.44 -7.40
C GLU A 21 19.61 25.02 -8.37
N SER A 22 19.27 24.21 -9.39
CA SER A 22 20.21 23.73 -10.39
C SER A 22 21.31 22.86 -9.79
N ASN A 23 21.02 22.22 -8.66
CA ASN A 23 21.94 21.27 -8.04
C ASN A 23 21.51 19.84 -8.33
N ILE A 24 22.50 18.94 -8.40
CA ILE A 24 22.19 17.54 -8.67
C ILE A 24 21.51 16.92 -7.45
N ALA A 25 20.46 16.15 -7.70
CA ALA A 25 19.70 15.45 -6.68
C ALA A 25 19.42 14.04 -7.19
N GLU A 26 18.94 13.18 -6.30
CA GLU A 26 18.62 11.81 -6.64
C GLU A 26 17.31 11.42 -5.95
N GLU A 27 16.45 10.73 -6.70
CA GLU A 27 15.26 10.11 -6.14
C GLU A 27 15.33 8.60 -6.35
N ILE A 28 15.01 7.84 -5.32
CA ILE A 28 15.00 6.38 -5.40
C ILE A 28 13.56 5.88 -5.49
N LEU A 29 13.29 5.03 -6.48
CA LEU A 29 11.96 4.50 -6.74
C LEU A 29 12.00 2.98 -6.69
N SER A 30 11.02 2.39 -6.01
CA SER A 30 10.87 0.94 -5.96
C SER A 30 10.25 0.43 -7.26
N GLY A 31 10.58 -0.82 -7.61
CA GLY A 31 10.02 -1.42 -8.80
C GLY A 31 10.67 -2.77 -9.08
N ASN A 32 10.51 -3.24 -10.31
CA ASN A 32 10.93 -4.58 -10.70
C ASN A 32 11.90 -4.54 -11.86
N ILE A 33 12.92 -5.38 -11.79
CA ILE A 33 13.76 -5.66 -12.95
C ILE A 33 13.03 -6.70 -13.78
N MET A 34 12.66 -6.34 -15.00
CA MET A 34 11.84 -7.16 -15.86
C MET A 34 12.69 -8.19 -16.58
N PRO A 35 12.06 -9.20 -17.20
CA PRO A 35 12.84 -10.21 -17.94
C PRO A 35 13.74 -9.63 -19.02
N ASP A 36 13.36 -8.51 -19.63
CA ASP A 36 14.19 -7.88 -20.66
C ASP A 36 15.31 -7.02 -20.09
N GLY A 37 15.48 -6.99 -18.76
CA GLY A 37 16.53 -6.18 -18.16
C GLY A 37 16.17 -4.73 -17.92
N ASN A 38 14.98 -4.30 -18.32
CA ASN A 38 14.52 -2.96 -18.02
C ASN A 38 13.84 -2.94 -16.65
N PHE A 39 13.46 -1.75 -16.20
CA PHE A 39 12.93 -1.52 -14.87
C PHE A 39 11.52 -0.96 -14.94
N LEU A 40 10.58 -1.61 -14.25
CA LEU A 40 9.19 -1.15 -14.15
C LEU A 40 9.07 -0.32 -12.87
N ILE A 41 8.76 0.97 -13.02
CA ILE A 41 8.60 1.87 -11.88
C ILE A 41 7.28 1.58 -11.19
N GLN A 42 7.32 1.31 -9.87
CA GLN A 42 6.12 0.91 -9.14
C GLN A 42 5.77 1.85 -7.99
N GLU A 43 6.33 3.06 -8.00
CA GLU A 43 5.94 4.13 -7.09
C GLU A 43 5.70 5.39 -7.92
N ILE A 44 4.88 6.28 -7.37
CA ILE A 44 4.62 7.58 -8.01
C ILE A 44 5.82 8.49 -7.73
N PRO A 45 6.52 8.98 -8.74
CA PRO A 45 7.69 9.83 -8.48
C PRO A 45 7.30 11.13 -7.78
N LEU A 46 8.05 11.45 -6.72
CA LEU A 46 7.79 12.70 -5.98
C LEU A 46 8.48 13.89 -6.63
N PHE A 47 9.68 13.70 -7.18
CA PHE A 47 10.50 14.84 -7.60
C PHE A 47 11.07 14.70 -9.00
N ALA A 48 11.46 13.48 -9.40
CA ALA A 48 12.09 13.30 -10.70
C ALA A 48 11.10 13.69 -11.80
N PRO A 49 11.56 14.30 -12.87
CA PRO A 49 10.64 14.80 -13.91
C PRO A 49 10.40 13.77 -15.01
N ASN A 50 9.27 13.97 -15.69
CA ASN A 50 8.86 13.23 -16.90
CA ASN A 50 8.94 13.23 -16.91
C ASN A 50 8.86 11.71 -16.69
N LEU A 51 8.46 11.30 -15.48
CA LEU A 51 8.29 9.89 -15.15
C LEU A 51 6.97 9.68 -14.42
N ALA A 52 6.41 8.49 -14.60
CA ALA A 52 5.13 8.17 -14.00
C ALA A 52 5.13 6.71 -13.57
N LEU A 53 4.26 6.43 -12.60
CA LEU A 53 3.99 5.06 -12.18
C LEU A 53 3.79 4.15 -13.40
N ASN A 54 4.45 3.00 -13.36
CA ASN A 54 4.36 1.94 -14.39
C ASN A 54 5.08 2.25 -15.69
N ASP A 55 5.83 3.35 -15.77
CA ASP A 55 6.76 3.54 -16.88
C ASP A 55 7.83 2.45 -16.84
N ILE A 56 8.30 2.05 -18.01
CA ILE A 56 9.38 1.08 -18.15
C ILE A 56 10.62 1.83 -18.64
N VAL A 57 11.73 1.71 -17.91
CA VAL A 57 12.92 2.50 -18.22
C VAL A 57 14.13 1.60 -18.39
N ALA A 58 15.07 2.06 -19.22
CA ALA A 58 16.35 1.39 -19.32
C ALA A 58 17.24 1.85 -18.18
N ILE A 59 18.13 0.96 -17.75
CA ILE A 59 18.97 1.24 -16.61
C ILE A 59 20.44 1.05 -16.96
N GLU A 60 21.29 1.71 -16.19
CA GLU A 60 22.72 1.45 -16.17
C GLU A 60 23.13 1.02 -14.76
N ARG A 61 23.77 -0.14 -14.64
CA ARG A 61 24.20 -0.64 -13.34
CA ARG A 61 24.20 -0.64 -13.34
C ARG A 61 25.60 -0.14 -13.04
N GLU A 62 25.77 0.42 -11.84
N GLU A 62 25.81 0.31 -11.80
CA GLU A 62 27.09 0.76 -11.29
CA GLU A 62 27.15 0.70 -11.36
C GLU A 62 27.21 0.06 -9.93
C GLU A 62 27.59 -0.05 -10.12
N ASP A 63 27.92 -1.07 -9.91
N ASP A 63 27.62 0.62 -8.97
CA ASP A 63 28.05 -1.99 -8.78
CA ASP A 63 28.21 0.06 -7.75
C ASP A 63 26.69 -2.40 -8.21
C ASP A 63 27.11 -0.38 -6.80
N LYS A 64 26.33 -1.88 -7.04
N LYS A 64 26.53 -1.55 -7.09
CA LYS A 64 25.08 -2.25 -6.39
CA LYS A 64 25.35 -2.10 -6.41
C LYS A 64 23.94 -1.31 -6.72
C LYS A 64 24.10 -1.25 -6.63
N MET A 65 24.15 -0.31 -7.57
CA MET A 65 23.11 0.65 -7.84
C MET A 65 22.59 0.50 -9.26
N LEU A 66 21.30 0.74 -9.42
CA LEU A 66 20.66 0.80 -10.73
C LEU A 66 20.27 2.24 -10.98
N PHE A 67 20.79 2.83 -12.04
CA PHE A 67 20.51 4.21 -12.39
C PHE A 67 19.61 4.29 -13.62
N PHE A 68 18.65 5.21 -13.58
CA PHE A 68 17.86 5.52 -14.75
C PHE A 68 18.77 5.95 -15.89
N ASP A 69 18.57 5.34 -17.07
CA ASP A 69 19.28 5.70 -18.28
C ASP A 69 18.38 6.43 -19.26
N HIS A 70 17.29 5.81 -19.72
CA HIS A 70 16.34 6.48 -20.60
C HIS A 70 15.00 5.77 -20.53
N LEU A 71 13.95 6.48 -20.95
CA LEU A 71 12.62 5.92 -20.96
C LEU A 71 12.47 4.97 -22.15
N ILE A 72 11.98 3.77 -21.90
CA ILE A 72 11.71 2.78 -22.95
C ILE A 72 10.25 2.79 -23.38
N LYS A 73 9.32 2.74 -22.44
CA LYS A 73 7.90 2.69 -22.76
C LYS A 73 7.14 3.44 -21.66
N ALA A 74 6.56 4.58 -22.01
CA ALA A 74 5.71 5.28 -21.07
C ALA A 74 4.42 4.51 -20.81
N SER A 75 3.94 4.53 -19.57
CA SER A 75 2.66 3.93 -19.26
C SER A 75 1.50 4.74 -19.82
N GLY A 76 1.71 6.04 -20.08
CA GLY A 76 0.64 6.95 -20.42
C GLY A 76 0.03 7.65 -19.24
N ASN A 77 0.46 7.28 -18.03
CA ASN A 77 0.00 7.97 -16.84
C ASN A 77 0.63 9.35 -16.74
N THR A 78 -0.06 10.25 -16.04
CA THR A 78 0.41 11.59 -15.74
CA THR A 78 0.47 11.57 -15.74
C THR A 78 0.80 11.68 -14.27
N THR A 79 1.80 12.54 -13.97
CA THR A 79 2.22 12.80 -12.60
C THR A 79 2.10 14.29 -12.34
N ILE A 80 1.30 14.67 -11.34
CA ILE A 80 1.11 16.06 -10.92
C ILE A 80 1.67 16.22 -9.51
N ASN A 81 2.56 17.19 -9.31
CA ASN A 81 3.03 17.53 -7.97
C ASN A 81 2.21 18.68 -7.43
N ILE A 82 1.93 18.67 -6.14
CA ILE A 82 1.17 19.74 -5.49
C ILE A 82 1.85 20.12 -4.19
N VAL A 83 2.09 21.44 -4.01
CA VAL A 83 2.46 22.00 -2.71
C VAL A 83 1.23 22.70 -2.14
N VAL A 84 0.85 22.33 -0.93
CA VAL A 84 -0.30 22.92 -0.26
C VAL A 84 0.18 24.14 0.52
N LEU A 85 -0.37 25.32 0.20
CA LEU A 85 0.02 26.56 0.85
C LEU A 85 -0.94 26.97 1.97
N ASP A 86 -2.21 26.55 1.89
CA ASP A 86 -3.17 26.84 2.96
CA ASP A 86 -3.15 26.84 2.96
C ASP A 86 -3.70 25.54 3.53
N HIS A 87 -4.63 24.91 2.81
CA HIS A 87 -5.19 23.63 3.19
C HIS A 87 -5.60 22.94 1.90
N PHE A 88 -5.69 21.62 1.94
CA PHE A 88 -6.02 20.88 0.74
C PHE A 88 -7.53 20.89 0.53
N PRO A 89 -8.03 21.48 -0.57
CA PRO A 89 -9.48 21.65 -0.70
C PRO A 89 -10.22 20.33 -0.87
N LYS A 90 -11.36 20.24 -0.19
CA LYS A 90 -12.17 19.03 -0.21
C LYS A 90 -12.64 18.68 -1.62
N ASP A 91 -13.07 19.68 -2.41
CA ASP A 91 -13.56 19.35 -3.74
C ASP A 91 -12.44 18.90 -4.68
N LEU A 92 -11.20 19.35 -4.43
CA LEU A 92 -10.06 18.84 -5.19
C LEU A 92 -9.80 17.37 -4.88
N LEU A 93 -9.81 17.03 -3.59
CA LEU A 93 -9.69 15.61 -3.23
C LEU A 93 -10.77 14.77 -3.89
N ALA A 94 -12.01 15.26 -3.88
CA ALA A 94 -13.10 14.52 -4.49
C ALA A 94 -12.87 14.37 -5.99
N ALA A 95 -12.36 15.42 -6.64
CA ALA A 95 -12.14 15.35 -8.08
C ALA A 95 -11.01 14.38 -8.41
N ILE A 96 -9.96 14.37 -7.59
CA ILE A 96 -8.89 13.38 -7.80
C ILE A 96 -9.46 11.97 -7.77
N GLU A 97 -10.26 11.67 -6.75
CA GLU A 97 -10.86 10.34 -6.61
C GLU A 97 -11.77 10.00 -7.79
N GLU A 98 -12.62 10.97 -8.20
CA GLU A 98 -13.54 10.74 -9.31
C GLU A 98 -12.78 10.42 -10.60
N HIS A 99 -11.58 10.95 -10.76
CA HIS A 99 -10.78 10.74 -11.96
C HIS A 99 -9.77 9.62 -11.79
N SER A 100 -9.98 8.72 -10.83
CA SER A 100 -9.15 7.54 -10.63
C SER A 100 -7.70 7.90 -10.29
N GLY A 101 -7.49 9.06 -9.67
CA GLY A 101 -6.15 9.45 -9.26
C GLY A 101 -5.71 8.72 -8.00
N LYS A 102 -4.38 8.55 -7.89
N LYS A 102 -4.38 8.55 -7.89
CA LYS A 102 -3.75 7.96 -6.71
CA LYS A 102 -3.76 7.96 -6.70
C LYS A 102 -2.75 8.96 -6.14
C LYS A 102 -2.74 8.95 -6.14
N ILE A 103 -2.77 9.13 -4.82
CA ILE A 103 -1.95 10.14 -4.14
C ILE A 103 -0.79 9.47 -3.42
N ARG A 104 0.39 10.07 -3.55
CA ARG A 104 1.54 9.75 -2.70
C ARG A 104 1.91 11.00 -1.93
N LYS A 105 1.95 10.91 -0.61
CA LYS A 105 2.29 12.07 0.22
C LYS A 105 3.77 12.08 0.56
N ASN A 106 4.32 13.29 0.74
CA ASN A 106 5.64 13.49 1.35
C ASN A 106 5.40 14.52 2.46
N GLY A 107 5.00 14.04 3.62
CA GLY A 107 4.54 14.95 4.64
C GLY A 107 3.14 15.43 4.33
N GLU A 108 2.66 16.36 5.16
CA GLU A 108 1.27 16.77 5.04
C GLU A 108 1.02 17.75 3.90
N ASN A 109 2.03 18.47 3.42
CA ASN A 109 1.79 19.54 2.46
C ASN A 109 2.47 19.36 1.11
N TYR A 110 3.01 18.19 0.80
CA TYR A 110 3.53 17.91 -0.52
C TYR A 110 2.97 16.58 -0.98
N LEU A 111 2.50 16.54 -2.22
CA LEU A 111 2.03 15.27 -2.73
C LEU A 111 2.27 15.18 -4.23
N SER A 112 2.30 13.94 -4.68
CA SER A 112 2.32 13.62 -6.11
CA SER A 112 2.32 13.61 -6.10
C SER A 112 1.11 12.78 -6.41
N VAL A 113 0.46 13.06 -7.53
CA VAL A 113 -0.77 12.39 -7.92
C VAL A 113 -0.56 11.73 -9.27
N ASN A 114 -0.88 10.43 -9.35
CA ASN A 114 -0.88 9.70 -10.60
C ASN A 114 -2.29 9.74 -11.19
N PHE A 115 -2.39 10.03 -12.48
CA PHE A 115 -3.65 9.92 -13.20
C PHE A 115 -3.50 8.96 -14.38
N PRO A 116 -4.43 8.02 -14.57
CA PRO A 116 -4.39 7.15 -15.75
C PRO A 116 -4.58 7.95 -17.02
N PRO A 117 -4.31 7.35 -18.19
CA PRO A 117 -4.43 8.10 -19.45
C PRO A 117 -5.75 8.83 -19.60
N LYS A 118 -5.65 10.10 -20.00
CA LYS A 118 -6.75 11.01 -20.26
C LYS A 118 -7.61 11.31 -19.03
N LYS A 119 -7.16 10.91 -17.83
CA LYS A 119 -7.86 11.31 -16.62
C LYS A 119 -7.42 12.67 -16.08
N TYR A 120 -6.21 13.12 -16.42
CA TYR A 120 -5.81 14.51 -16.19
C TYR A 120 -6.13 15.28 -17.47
N ASN A 121 -7.14 16.15 -17.40
CA ASN A 121 -7.56 16.94 -18.55
C ASN A 121 -8.14 18.25 -18.05
N SER A 122 -9.06 18.86 -18.79
CA SER A 122 -9.56 20.18 -18.41
C SER A 122 -10.23 20.17 -17.04
N ASP A 123 -10.78 19.03 -16.61
CA ASP A 123 -11.45 18.99 -15.31
C ASP A 123 -10.47 19.33 -14.19
N LEU A 124 -9.43 18.52 -14.03
CA LEU A 124 -8.49 18.73 -12.93
C LEU A 124 -7.63 19.96 -13.18
N LYS A 125 -7.25 20.23 -14.42
CA LYS A 125 -6.40 21.40 -14.65
C LYS A 125 -7.15 22.68 -14.27
N GLY A 126 -8.45 22.73 -14.54
CA GLY A 126 -9.22 23.92 -14.18
C GLY A 126 -9.32 24.13 -12.68
N ILE A 127 -9.55 23.05 -11.92
CA ILE A 127 -9.65 23.17 -10.46
CA ILE A 127 -9.66 23.23 -10.48
C ILE A 127 -8.31 23.57 -9.86
N LEU A 128 -7.22 22.97 -10.35
CA LEU A 128 -5.88 23.33 -9.86
C LEU A 128 -5.58 24.79 -10.16
N ASN A 129 -5.98 25.28 -11.34
CA ASN A 129 -5.74 26.67 -11.69
C ASN A 129 -6.52 27.61 -10.80
N ARG A 130 -7.78 27.23 -10.48
CA ARG A 130 -8.59 28.07 -9.59
CA ARG A 130 -8.60 28.05 -9.59
C ARG A 130 -7.95 28.19 -8.21
N TYR A 131 -7.37 27.11 -7.70
CA TYR A 131 -6.73 27.19 -6.39
C TYR A 131 -5.38 27.89 -6.44
N GLU A 132 -4.66 27.85 -7.58
CA GLU A 132 -3.47 28.69 -7.73
C GLU A 132 -3.83 30.17 -7.69
N GLU A 133 -4.90 30.54 -8.40
CA GLU A 133 -5.34 31.92 -8.39
C GLU A 133 -5.58 32.42 -6.97
N ALA A 134 -6.08 31.55 -6.09
CA ALA A 134 -6.33 31.91 -4.70
C ALA A 134 -5.10 31.77 -3.82
N ASN A 135 -3.97 31.33 -4.39
CA ASN A 135 -2.74 31.08 -3.63
C ASN A 135 -2.95 30.04 -2.54
N ILE A 136 -3.84 29.08 -2.78
CA ILE A 136 -4.08 27.98 -1.84
C ILE A 136 -3.12 26.82 -2.08
N LEU A 137 -2.65 26.65 -3.31
CA LEU A 137 -1.69 25.61 -3.65
C LEU A 137 -0.92 26.06 -4.88
N SER A 138 0.13 25.30 -5.20
CA SER A 138 0.84 25.41 -6.46
C SER A 138 1.03 24.01 -7.00
N TYR A 139 1.06 23.87 -8.33
CA TYR A 139 1.20 22.55 -8.91
C TYR A 139 2.22 22.55 -10.04
N ARG A 140 2.81 21.38 -10.27
CA ARG A 140 3.69 21.15 -11.41
C ARG A 140 3.18 19.93 -12.18
N GLU A 141 3.09 20.08 -13.50
CA GLU A 141 2.84 18.96 -14.39
C GLU A 141 4.18 18.28 -14.61
N ALA A 142 4.50 17.33 -13.72
CA ALA A 142 5.81 16.68 -13.76
C ALA A 142 5.94 15.76 -14.96
N CYS A 143 4.85 15.07 -15.31
CA CYS A 143 4.83 14.15 -16.44
C CYS A 143 3.45 14.22 -17.07
N LEU A 144 3.38 14.47 -18.38
CA LEU A 144 2.08 14.62 -19.06
C LEU A 144 1.70 13.40 -19.89
N GLY A 145 2.32 12.26 -19.66
CA GLY A 145 1.90 11.03 -20.32
C GLY A 145 2.66 10.76 -21.60
N PHE A 146 1.99 10.19 -22.59
CA PHE A 146 2.64 9.86 -23.85
C PHE A 146 3.22 11.11 -24.50
N SER A 147 4.47 11.01 -24.96
CA SER A 147 5.12 12.11 -25.66
C SER A 147 4.68 12.13 -27.13
N HIS B 3 -11.85 -44.30 -1.44
CA HIS B 3 -11.51 -42.89 -1.69
C HIS B 3 -10.17 -42.52 -1.05
N HIS B 4 -9.38 -41.75 -1.79
CA HIS B 4 -8.07 -41.33 -1.33
C HIS B 4 -7.97 -39.81 -1.37
N HIS B 5 -7.16 -39.27 -0.48
CA HIS B 5 -6.87 -37.84 -0.50
C HIS B 5 -6.27 -37.44 -1.84
N HIS B 6 -6.76 -36.34 -2.39
CA HIS B 6 -6.24 -35.74 -3.62
C HIS B 6 -5.39 -34.53 -3.27
N HIS B 7 -4.26 -34.39 -3.97
CA HIS B 7 -3.37 -33.26 -3.76
C HIS B 7 -4.02 -31.98 -4.29
N HIS B 8 -3.89 -30.90 -3.52
CA HIS B 8 -4.41 -29.59 -3.89
C HIS B 8 -3.30 -28.56 -3.94
N MET B 9 -3.61 -27.40 -4.53
CA MET B 9 -2.64 -26.32 -4.67
C MET B 9 -2.45 -25.48 -3.40
N LYS B 10 -2.33 -26.14 -2.25
CA LYS B 10 -2.02 -25.41 -1.02
C LYS B 10 -0.62 -24.80 -1.12
N SER B 11 -0.45 -23.66 -0.49
CA SER B 11 0.84 -22.97 -0.55
C SER B 11 1.01 -22.09 0.69
N LYS B 12 2.19 -21.49 0.77
CA LYS B 12 2.55 -20.56 1.83
C LYS B 12 3.17 -19.32 1.19
N LEU B 13 2.91 -18.17 1.82
CA LEU B 13 3.43 -16.89 1.37
C LEU B 13 4.10 -16.19 2.54
N THR B 14 5.24 -15.53 2.30
CA THR B 14 5.85 -14.66 3.30
C THR B 14 5.48 -13.20 3.01
N VAL B 15 4.96 -12.51 4.03
CA VAL B 15 4.68 -11.08 3.95
C VAL B 15 5.78 -10.37 4.73
N VAL B 16 6.57 -9.54 4.03
CA VAL B 16 7.55 -8.68 4.68
C VAL B 16 6.86 -7.36 5.02
N TYR B 17 7.03 -6.91 6.25
CA TYR B 17 6.35 -5.70 6.71
C TYR B 17 7.20 -5.02 7.77
N TYR B 18 6.84 -3.80 8.11
CA TYR B 18 7.44 -3.11 9.25
C TYR B 18 6.50 -3.23 10.43
N ASP B 19 7.04 -3.65 11.56
CA ASP B 19 6.26 -3.89 12.77
C ASP B 19 5.97 -2.57 13.49
N LEU B 20 5.38 -2.66 14.69
CA LEU B 20 4.93 -1.48 15.39
C LEU B 20 6.08 -0.57 15.82
N GLU B 21 7.30 -1.10 15.87
CA GLU B 21 8.48 -0.31 16.17
C GLU B 21 9.24 0.09 14.92
N SER B 22 8.64 -0.07 13.73
CA SER B 22 9.29 0.27 12.47
C SER B 22 10.53 -0.59 12.21
N ASN B 23 10.50 -1.83 12.67
CA ASN B 23 11.55 -2.80 12.40
C ASN B 23 11.04 -3.83 11.41
N ILE B 24 11.90 -4.25 10.48
CA ILE B 24 11.49 -5.19 9.46
C ILE B 24 11.11 -6.52 10.13
N ALA B 25 10.07 -7.15 9.60
CA ALA B 25 9.54 -8.39 10.15
C ALA B 25 8.93 -9.20 9.01
N GLU B 26 8.68 -10.48 9.27
CA GLU B 26 8.11 -11.37 8.28
C GLU B 26 7.01 -12.20 8.94
N GLU B 27 5.89 -12.40 8.23
CA GLU B 27 4.84 -13.31 8.66
C GLU B 27 4.51 -14.24 7.51
N ILE B 28 4.45 -15.55 7.79
CA ILE B 28 4.08 -16.55 6.77
C ILE B 28 2.61 -16.86 6.90
N LEU B 29 1.89 -16.83 5.76
CA LEU B 29 0.46 -17.11 5.73
C LEU B 29 0.18 -18.30 4.81
N SER B 30 -0.66 -19.21 5.30
CA SER B 30 -1.08 -20.34 4.49
CA SER B 30 -1.09 -20.34 4.49
C SER B 30 -2.24 -19.94 3.57
N GLY B 31 -2.31 -20.58 2.42
CA GLY B 31 -3.39 -20.32 1.49
C GLY B 31 -3.42 -21.27 0.32
N ASN B 32 -3.98 -20.82 -0.79
CA ASN B 32 -4.19 -21.67 -1.96
C ASN B 32 -3.82 -20.88 -3.20
N ILE B 33 -3.01 -21.48 -4.08
CA ILE B 33 -2.76 -20.87 -5.38
C ILE B 33 -4.04 -20.90 -6.19
N MET B 34 -4.33 -19.82 -6.89
CA MET B 34 -5.50 -19.76 -7.73
CA MET B 34 -5.50 -19.66 -7.74
C MET B 34 -5.13 -19.95 -9.19
N PRO B 35 -6.10 -20.31 -10.04
CA PRO B 35 -5.77 -20.61 -11.44
C PRO B 35 -5.09 -19.47 -12.19
N ASP B 36 -5.27 -18.22 -11.78
CA ASP B 36 -4.62 -17.08 -12.40
C ASP B 36 -3.21 -16.82 -11.88
N GLY B 37 -2.70 -17.66 -10.98
CA GLY B 37 -1.39 -17.46 -10.42
C GLY B 37 -1.35 -16.60 -9.18
N ASN B 38 -2.48 -16.05 -8.75
CA ASN B 38 -2.53 -15.29 -7.51
C ASN B 38 -2.74 -16.23 -6.33
N PHE B 39 -2.81 -15.65 -5.12
CA PHE B 39 -2.75 -16.41 -3.88
C PHE B 39 -3.93 -16.03 -3.01
N LEU B 40 -4.75 -17.01 -2.64
CA LEU B 40 -5.88 -16.79 -1.74
C LEU B 40 -5.41 -17.02 -0.30
N ILE B 41 -5.44 -15.97 0.53
CA ILE B 41 -5.01 -16.07 1.91
C ILE B 41 -6.08 -16.79 2.72
N GLN B 42 -5.67 -17.85 3.44
CA GLN B 42 -6.62 -18.69 4.16
C GLN B 42 -6.37 -18.73 5.67
N GLU B 43 -5.62 -17.76 6.20
CA GLU B 43 -5.44 -17.60 7.63
C GLU B 43 -5.64 -16.14 7.96
N ILE B 44 -6.05 -15.88 9.21
CA ILE B 44 -6.16 -14.51 9.70
C ILE B 44 -4.75 -13.99 9.98
N PRO B 45 -4.32 -12.90 9.35
CA PRO B 45 -2.96 -12.39 9.64
C PRO B 45 -2.84 -11.93 11.08
N LEU B 46 -1.78 -12.37 11.75
CA LEU B 46 -1.57 -12.03 13.15
C LEU B 46 -1.00 -10.63 13.32
N PHE B 47 -0.06 -10.24 12.45
CA PHE B 47 0.70 -9.00 12.66
C PHE B 47 0.81 -8.12 11.41
N ALA B 48 0.90 -8.73 10.24
CA ALA B 48 1.10 -7.95 9.03
C ALA B 48 -0.13 -7.07 8.80
N PRO B 49 0.04 -5.79 8.52
CA PRO B 49 -1.10 -4.89 8.36
C PRO B 49 -1.68 -4.93 6.96
N ASN B 50 -2.91 -4.42 6.86
CA ASN B 50 -3.61 -4.18 5.59
C ASN B 50 -3.99 -5.45 4.85
N LEU B 51 -4.11 -6.57 5.56
CA LEU B 51 -4.47 -7.86 4.97
C LEU B 51 -5.53 -8.57 5.80
N ALA B 52 -6.38 -9.34 5.12
CA ALA B 52 -7.44 -10.06 5.80
C ALA B 52 -7.61 -11.44 5.20
N LEU B 53 -8.20 -12.32 6.01
CA LEU B 53 -8.62 -13.64 5.56
C LEU B 53 -9.39 -13.53 4.24
N ASN B 54 -9.04 -14.40 3.30
CA ASN B 54 -9.70 -14.53 2.00
C ASN B 54 -9.41 -13.37 1.04
N ASP B 55 -8.48 -12.47 1.40
CA ASP B 55 -7.93 -11.56 0.40
C ASP B 55 -7.19 -12.36 -0.67
N ILE B 56 -7.20 -11.83 -1.91
CA ILE B 56 -6.44 -12.40 -3.01
C ILE B 56 -5.28 -11.46 -3.31
N VAL B 57 -4.07 -12.00 -3.35
CA VAL B 57 -2.87 -11.19 -3.48
C VAL B 57 -1.99 -11.73 -4.59
N ALA B 58 -1.21 -10.84 -5.19
CA ALA B 58 -0.18 -11.20 -6.15
C ALA B 58 1.12 -11.50 -5.43
N ILE B 59 1.92 -12.38 -6.02
CA ILE B 59 3.10 -12.92 -5.36
C ILE B 59 4.31 -12.80 -6.28
N GLU B 60 5.49 -12.87 -5.67
CA GLU B 60 6.76 -12.90 -6.38
C GLU B 60 7.59 -14.04 -5.82
N ARG B 61 8.33 -14.71 -6.70
CA ARG B 61 9.24 -15.79 -6.30
C ARG B 61 10.66 -15.27 -6.20
N GLU B 62 11.31 -15.55 -5.07
CA GLU B 62 12.72 -15.22 -4.88
CA GLU B 62 12.72 -15.24 -4.91
C GLU B 62 13.33 -16.28 -3.99
N ASP B 63 14.56 -16.70 -4.32
CA ASP B 63 15.28 -17.71 -3.55
C ASP B 63 14.41 -18.91 -3.23
N LYS B 64 13.66 -19.38 -4.25
CA LYS B 64 12.81 -20.55 -4.15
C LYS B 64 11.66 -20.40 -3.16
N MET B 65 11.30 -19.17 -2.78
CA MET B 65 10.23 -18.91 -1.85
C MET B 65 9.24 -17.92 -2.47
N LEU B 66 8.02 -17.89 -1.94
CA LEU B 66 6.98 -16.98 -2.44
C LEU B 66 6.73 -15.85 -1.46
N PHE B 67 6.62 -14.63 -2.00
CA PHE B 67 6.47 -13.42 -1.20
C PHE B 67 5.27 -12.60 -1.65
N PHE B 68 4.58 -12.00 -0.68
CA PHE B 68 3.51 -11.06 -1.01
C PHE B 68 4.08 -9.92 -1.84
N ASP B 69 3.38 -9.55 -2.91
CA ASP B 69 3.75 -8.38 -3.68
C ASP B 69 2.76 -7.23 -3.57
N HIS B 70 1.49 -7.48 -3.89
CA HIS B 70 0.47 -6.45 -3.78
C HIS B 70 -0.90 -7.10 -3.73
N LEU B 71 -1.88 -6.32 -3.25
CA LEU B 71 -3.26 -6.79 -3.16
C LEU B 71 -3.89 -6.82 -4.54
N ILE B 72 -4.60 -7.91 -4.83
CA ILE B 72 -5.39 -8.03 -6.06
C ILE B 72 -6.86 -7.73 -5.81
N LYS B 73 -7.46 -8.38 -4.80
CA LYS B 73 -8.87 -8.16 -4.50
C LYS B 73 -9.07 -8.33 -3.00
N ALA B 74 -9.49 -7.26 -2.33
CA ALA B 74 -9.82 -7.36 -0.92
C ALA B 74 -11.10 -8.19 -0.75
N SER B 75 -11.12 -9.01 0.30
CA SER B 75 -12.33 -9.76 0.63
C SER B 75 -13.43 -8.89 1.19
N GLY B 76 -13.09 -7.74 1.77
CA GLY B 76 -14.04 -6.98 2.55
C GLY B 76 -14.06 -7.32 4.02
N ASN B 77 -13.33 -8.36 4.43
CA ASN B 77 -13.21 -8.68 5.84
C ASN B 77 -12.32 -7.65 6.54
N THR B 78 -12.53 -7.51 7.85
CA THR B 78 -11.74 -6.64 8.72
C THR B 78 -10.89 -7.50 9.64
N THR B 79 -9.64 -7.07 9.89
CA THR B 79 -8.73 -7.73 10.81
C THR B 79 -8.44 -6.79 11.98
N ILE B 80 -8.70 -7.25 13.20
CA ILE B 80 -8.49 -6.49 14.43
C ILE B 80 -7.51 -7.28 15.29
N ASN B 81 -6.44 -6.61 15.73
CA ASN B 81 -5.47 -7.20 16.67
C ASN B 81 -5.86 -6.79 18.07
N ILE B 82 -5.85 -7.73 19.01
CA ILE B 82 -6.24 -7.45 20.40
C ILE B 82 -5.21 -8.08 21.31
N VAL B 83 -4.70 -7.31 22.27
CA VAL B 83 -3.79 -7.84 23.27
C VAL B 83 -4.35 -7.51 24.65
N VAL B 84 -4.23 -8.45 25.59
CA VAL B 84 -4.78 -8.29 26.92
C VAL B 84 -3.70 -8.48 27.97
N LEU B 85 -3.99 -7.96 29.17
CA LEU B 85 -3.07 -8.09 30.29
C LEU B 85 -2.99 -9.53 30.78
N ASP B 86 -4.13 -10.20 30.90
CA ASP B 86 -4.11 -11.54 31.50
C ASP B 86 -5.27 -12.42 31.04
N HIS B 87 -6.38 -11.83 30.62
CA HIS B 87 -7.50 -12.63 30.15
C HIS B 87 -8.35 -11.80 29.21
N PHE B 88 -9.01 -12.49 28.26
CA PHE B 88 -10.02 -11.86 27.44
C PHE B 88 -11.35 -11.91 28.16
N PRO B 89 -11.99 -10.77 28.44
CA PRO B 89 -13.26 -10.80 29.19
C PRO B 89 -14.32 -11.60 28.47
N LYS B 90 -15.14 -12.31 29.25
CA LYS B 90 -16.15 -13.19 28.68
C LYS B 90 -17.14 -12.44 27.80
N ASP B 91 -17.53 -11.22 28.21
CA ASP B 91 -18.50 -10.48 27.41
C ASP B 91 -17.90 -10.00 26.08
N LEU B 92 -16.60 -9.76 26.05
CA LEU B 92 -15.97 -9.44 24.77
C LEU B 92 -15.94 -10.65 23.84
N LEU B 93 -15.58 -11.83 24.36
CA LEU B 93 -15.59 -13.03 23.53
C LEU B 93 -16.98 -13.31 23.00
N ALA B 94 -18.00 -13.10 23.83
CA ALA B 94 -19.37 -13.33 23.40
C ALA B 94 -19.77 -12.34 22.30
N ALA B 95 -19.38 -11.08 22.43
CA ALA B 95 -19.69 -10.09 21.40
C ALA B 95 -18.99 -10.42 20.09
N ILE B 96 -17.72 -10.82 20.15
CA ILE B 96 -17.02 -11.23 18.94
C ILE B 96 -17.80 -12.33 18.23
N GLU B 97 -18.25 -13.34 18.99
CA GLU B 97 -19.01 -14.44 18.41
C GLU B 97 -20.36 -13.98 17.86
N GLU B 98 -21.04 -13.10 18.59
CA GLU B 98 -22.33 -12.61 18.12
C GLU B 98 -22.20 -11.82 16.83
N HIS B 99 -21.04 -11.19 16.62
CA HIS B 99 -20.75 -10.43 15.41
C HIS B 99 -20.10 -11.31 14.33
N SER B 100 -20.22 -12.63 14.43
CA SER B 100 -19.68 -13.55 13.42
C SER B 100 -18.16 -13.43 13.27
N GLY B 101 -17.47 -13.05 14.34
CA GLY B 101 -16.04 -12.95 14.28
C GLY B 101 -15.38 -14.31 14.47
N LYS B 102 -14.25 -14.49 13.79
CA LYS B 102 -13.43 -15.68 13.92
C LYS B 102 -12.08 -15.27 14.51
N ILE B 103 -11.55 -16.07 15.41
CA ILE B 103 -10.36 -15.66 16.16
C ILE B 103 -9.20 -16.58 15.83
N ARG B 104 -7.99 -16.01 15.87
CA ARG B 104 -6.75 -16.76 15.80
C ARG B 104 -5.87 -16.31 16.95
N LYS B 105 -5.41 -17.27 17.77
CA LYS B 105 -4.57 -16.97 18.92
C LYS B 105 -3.10 -16.90 18.54
N ASN B 106 -2.34 -16.08 19.26
CA ASN B 106 -0.88 -16.17 19.31
C ASN B 106 -0.51 -16.20 20.79
N GLY B 107 -0.43 -17.40 21.36
CA GLY B 107 -0.25 -17.48 22.79
C GLY B 107 -1.56 -17.14 23.50
N GLU B 108 -1.44 -16.89 24.80
CA GLU B 108 -2.61 -16.74 25.66
C GLU B 108 -3.15 -15.31 25.75
N ASN B 109 -2.37 -14.31 25.34
CA ASN B 109 -2.75 -12.92 25.56
C ASN B 109 -2.95 -12.12 24.28
N TYR B 110 -2.97 -12.76 23.12
CA TYR B 110 -3.05 -12.04 21.85
C TYR B 110 -3.99 -12.78 20.90
N LEU B 111 -4.86 -12.02 20.26
CA LEU B 111 -5.77 -12.55 19.25
C LEU B 111 -5.75 -11.63 18.05
N SER B 112 -5.86 -12.22 16.87
N SER B 112 -5.83 -12.23 16.87
CA SER B 112 -6.28 -11.48 15.70
CA SER B 112 -6.28 -11.53 15.68
C SER B 112 -7.64 -11.99 15.28
C SER B 112 -7.69 -12.01 15.37
N VAL B 113 -8.57 -11.07 15.03
CA VAL B 113 -9.98 -11.37 14.83
C VAL B 113 -10.39 -10.93 13.44
N ASN B 114 -11.07 -11.83 12.72
CA ASN B 114 -11.67 -11.53 11.43
C ASN B 114 -13.15 -11.18 11.62
N PHE B 115 -13.56 -10.04 11.10
CA PHE B 115 -14.97 -9.68 11.04
C PHE B 115 -15.44 -9.58 9.60
N PRO B 116 -16.56 -10.24 9.25
CA PRO B 116 -17.11 -10.10 7.90
C PRO B 116 -17.58 -8.68 7.65
N PRO B 117 -17.86 -8.32 6.40
CA PRO B 117 -18.36 -6.96 6.10
C PRO B 117 -19.49 -6.56 7.02
N LYS B 118 -19.41 -5.33 7.53
CA LYS B 118 -20.41 -4.63 8.34
C LYS B 118 -20.46 -5.13 9.79
N LYS B 119 -19.70 -6.16 10.17
CA LYS B 119 -19.81 -6.71 11.51
C LYS B 119 -18.93 -5.98 12.52
N TYR B 120 -17.83 -5.37 12.08
CA TYR B 120 -17.03 -4.53 12.96
C TYR B 120 -17.67 -3.15 12.96
N ASN B 121 -18.41 -2.84 14.04
CA ASN B 121 -19.21 -1.63 14.08
C ASN B 121 -19.02 -0.89 15.40
N SER B 122 -19.79 0.18 15.60
CA SER B 122 -19.61 1.00 16.79
C SER B 122 -19.94 0.23 18.06
N ASP B 123 -20.88 -0.71 18.00
CA ASP B 123 -21.20 -1.51 19.18
C ASP B 123 -20.01 -2.35 19.61
N LEU B 124 -19.35 -3.01 18.65
CA LEU B 124 -18.16 -3.79 18.98
C LEU B 124 -17.04 -2.87 19.46
N LYS B 125 -16.81 -1.75 18.77
CA LYS B 125 -15.75 -0.84 19.19
C LYS B 125 -15.99 -0.28 20.58
N GLY B 126 -17.26 -0.09 20.96
CA GLY B 126 -17.56 0.42 22.29
C GLY B 126 -17.05 -0.49 23.39
N ILE B 127 -17.20 -1.81 23.20
CA ILE B 127 -16.72 -2.74 24.21
C ILE B 127 -15.20 -2.71 24.29
N LEU B 128 -14.55 -2.74 23.12
CA LEU B 128 -13.10 -2.63 23.09
C LEU B 128 -12.63 -1.35 23.77
N ASN B 129 -13.30 -0.24 23.47
CA ASN B 129 -12.88 1.05 24.05
C ASN B 129 -13.01 1.06 25.57
N ARG B 130 -14.09 0.50 26.12
CA ARG B 130 -14.24 0.50 27.57
CA ARG B 130 -14.26 0.47 27.57
C ARG B 130 -13.14 -0.32 28.23
N TYR B 131 -12.75 -1.45 27.63
CA TYR B 131 -11.67 -2.24 28.21
C TYR B 131 -10.32 -1.56 28.02
N GLU B 132 -10.13 -0.81 26.93
CA GLU B 132 -8.91 -0.04 26.76
CA GLU B 132 -8.92 -0.03 26.76
C GLU B 132 -8.80 1.03 27.84
N GLU B 133 -9.91 1.71 28.15
CA GLU B 133 -9.87 2.76 29.18
C GLU B 133 -9.46 2.19 30.53
N ALA B 134 -9.77 0.92 30.79
CA ALA B 134 -9.44 0.27 32.05
C ALA B 134 -8.04 -0.34 32.02
N ASN B 135 -7.28 -0.13 30.94
CA ASN B 135 -5.92 -0.63 30.81
C ASN B 135 -5.86 -2.15 30.82
N ILE B 136 -6.97 -2.82 30.51
CA ILE B 136 -6.95 -4.28 30.45
C ILE B 136 -6.67 -4.81 29.04
N LEU B 137 -6.83 -4.00 28.00
CA LEU B 137 -6.48 -4.45 26.66
C LEU B 137 -6.12 -3.24 25.80
N SER B 138 -5.49 -3.55 24.67
CA SER B 138 -5.24 -2.61 23.59
CA SER B 138 -5.31 -2.60 23.60
C SER B 138 -5.64 -3.30 22.29
N TYR B 139 -6.03 -2.50 21.30
CA TYR B 139 -6.42 -3.07 20.03
C TYR B 139 -5.97 -2.18 18.89
N ARG B 140 -5.88 -2.80 17.72
CA ARG B 140 -5.44 -2.13 16.51
C ARG B 140 -6.32 -2.56 15.34
N GLU B 141 -6.71 -1.59 14.52
CA GLU B 141 -7.40 -1.86 13.26
C GLU B 141 -6.36 -2.18 12.20
N ALA B 142 -5.99 -3.47 12.13
CA ALA B 142 -4.93 -3.88 11.22
C ALA B 142 -5.37 -3.74 9.77
N CYS B 143 -6.63 -4.07 9.49
CA CYS B 143 -7.15 -3.98 8.13
C CYS B 143 -8.64 -3.67 8.23
N LEU B 144 -9.06 -2.49 7.78
CA LEU B 144 -10.47 -2.11 7.80
C LEU B 144 -11.13 -2.58 6.50
N GLY B 145 -12.12 -3.44 6.63
CA GLY B 145 -12.83 -3.94 5.46
C GLY B 145 -13.93 -3.03 5.02
N PHE B 146 -15.02 -3.62 4.51
CA PHE B 146 -16.15 -2.85 4.01
C PHE B 146 -17.16 -2.56 5.12
#